data_1DBM
#
_entry.id   1DBM
#
_cell.length_a   134.760
_cell.length_b   134.760
_cell.length_c   124.210
_cell.angle_alpha   90.00
_cell.angle_beta   90.00
_cell.angle_gamma   120.00
#
_symmetry.space_group_name_H-M   'P 64 2 2'
#
loop_
_entity.id
_entity.type
_entity.pdbx_description
1 polymer 'IGG1-KAPPA DB3 FAB (LIGHT CHAIN)'
2 polymer 'IGG1-KAPPA DB3 FAB (HEAVY CHAIN)'
3 non-polymer PROGESTERONE-11-ALPHA-OL-HEMISUCCINATE
#
loop_
_entity_poly.entity_id
_entity_poly.type
_entity_poly.pdbx_seq_one_letter_code
_entity_poly.pdbx_strand_id
1 'polypeptide(L)'
;DVVMTQIPLSLPVNLGDQASISCRSSQSLIHSNGNTYLHWYLQKPGQSPKLLMYKVSNRFYGVPDRFSGSGSGTDFTLKI
SRVEAEDLGIYFCSQSSHVPPTFGGGTKLEIKRADAAPTVSIFPPSSEQLTSGGASVVCFLNNFYPKDINVKWKIDGSER
QNGVLNSWTDQDSKDSTYSMSSTLTLTKDEYERHNSYTCEATHKTSTSPIVKSFNR
;
L
2 'polypeptide(L)'
;QIQLVQSGPELKKPGETVKISCKASGYAFTNYGVNWVKEAPGKELKWMGWINIYTGEPTYVDDFKGRFAFSLETSASTAY
LEINNLKNEDTATYFCTRGDYVNWYFDVWGAGTTVTVSSAKTTPPSVYPLAPGSAAQTNSMVTLGCLVKGYFPEPVTVTW
NSGSLSSGVHTFPAVLQSDLYTLSSSVTVPSSPRPSETVTCNVAHPASSTKVDKKIVPR
;
H
#
loop_
_chem_comp.id
_chem_comp.type
_chem_comp.name
_chem_comp.formula
SIH non-polymer PROGESTERONE-11-ALPHA-OL-HEMISUCCINATE 'C25 H34 O6'
#
# COMPACT_ATOMS: atom_id res chain seq x y z
N ASP A 1 7.01 21.95 -13.03
CA ASP A 1 6.37 20.71 -13.37
C ASP A 1 4.89 21.07 -13.22
N VAL A 2 3.93 20.60 -14.03
CA VAL A 2 2.51 20.93 -13.88
C VAL A 2 2.14 20.09 -12.68
N VAL A 3 1.23 20.54 -11.84
CA VAL A 3 0.85 19.88 -10.60
C VAL A 3 -0.59 19.64 -10.83
N MET A 4 -0.84 18.36 -10.92
CA MET A 4 -2.16 17.88 -11.19
C MET A 4 -2.64 17.39 -9.82
N THR A 5 -3.77 17.85 -9.25
CA THR A 5 -4.27 17.35 -7.99
C THR A 5 -5.61 16.67 -8.20
N GLN A 6 -5.92 15.60 -7.47
CA GLN A 6 -7.23 14.93 -7.51
C GLN A 6 -7.84 15.10 -6.16
N ILE A 7 -9.16 15.09 -6.14
CA ILE A 7 -9.88 15.07 -4.89
C ILE A 7 -11.21 14.45 -5.29
N PRO A 8 -11.91 13.59 -4.55
CA PRO A 8 -11.61 13.21 -3.19
C PRO A 8 -10.39 12.33 -3.04
N LEU A 9 -9.83 12.00 -1.87
CA LEU A 9 -8.80 10.97 -1.79
C LEU A 9 -9.51 9.62 -1.93
N SER A 10 -10.63 9.36 -1.25
CA SER A 10 -11.40 8.13 -1.42
C SER A 10 -12.81 8.53 -1.81
N LEU A 11 -13.63 7.69 -2.44
CA LEU A 11 -14.97 8.06 -2.78
C LEU A 11 -15.73 6.84 -2.31
N PRO A 12 -16.50 7.02 -1.27
CA PRO A 12 -17.55 6.10 -0.86
C PRO A 12 -18.52 5.94 -1.98
N VAL A 13 -18.88 4.80 -2.52
CA VAL A 13 -19.82 4.74 -3.63
C VAL A 13 -20.75 3.59 -3.32
N ASN A 14 -22.04 3.59 -3.59
CA ASN A 14 -22.77 2.34 -3.47
C ASN A 14 -22.69 1.82 -4.91
N LEU A 15 -22.33 0.57 -5.19
CA LEU A 15 -22.35 0.00 -6.53
C LEU A 15 -23.73 0.32 -7.08
N GLY A 16 -23.77 0.93 -8.25
CA GLY A 16 -25.01 1.40 -8.87
C GLY A 16 -25.03 2.93 -9.02
N ASP A 17 -24.45 3.65 -8.08
CA ASP A 17 -24.47 5.07 -8.20
C ASP A 17 -23.51 5.49 -9.32
N GLN A 18 -23.69 6.75 -9.69
CA GLN A 18 -22.85 7.41 -10.64
C GLN A 18 -21.63 7.81 -9.85
N ALA A 19 -20.49 8.18 -10.44
CA ALA A 19 -19.38 8.69 -9.62
C ALA A 19 -18.61 9.71 -10.45
N SER A 20 -17.91 10.65 -9.81
CA SER A 20 -17.19 11.60 -10.59
C SER A 20 -15.87 11.86 -9.95
N ILE A 21 -14.70 11.65 -10.57
CA ILE A 21 -13.46 12.05 -9.92
C ILE A 21 -13.24 13.45 -10.49
N SER A 22 -12.40 14.37 -10.01
CA SER A 22 -12.19 15.63 -10.67
C SER A 22 -10.76 15.98 -10.52
N CYS A 23 -10.01 15.98 -11.58
CA CYS A 23 -8.58 16.28 -11.50
C CYS A 23 -8.42 17.78 -11.63
N ARG A 24 -7.22 18.35 -11.63
CA ARG A 24 -7.09 19.77 -11.86
C ARG A 24 -5.67 20.20 -12.18
N SER A 25 -5.38 21.16 -13.07
CA SER A 25 -3.98 21.46 -13.40
C SER A 25 -3.35 22.80 -12.95
N SER A 26 -2.08 22.89 -12.60
CA SER A 26 -1.52 24.17 -12.21
C SER A 26 -1.01 25.04 -13.36
N GLN A 27 -1.35 24.66 -14.60
CA GLN A 27 -0.96 25.25 -15.88
C GLN A 27 -2.01 24.72 -16.83
N SER A 28 -2.19 25.24 -18.05
CA SER A 28 -3.26 24.74 -18.88
C SER A 28 -2.69 23.65 -19.76
N LEU A 29 -3.68 22.84 -20.12
CA LEU A 29 -3.48 21.57 -20.81
C LEU A 29 -3.84 21.57 -22.28
N ILE A 30 -4.12 22.78 -22.79
CA ILE A 30 -4.34 22.99 -24.21
C ILE A 30 -2.90 23.22 -24.69
N HIS A 31 -2.51 22.46 -25.70
CA HIS A 31 -1.16 22.43 -26.26
C HIS A 31 -1.10 23.33 -27.49
N SER A 32 0.00 24.01 -27.86
CA SER A 32 0.09 24.75 -29.15
C SER A 32 -0.58 24.03 -30.33
N ASN A 33 -0.33 22.75 -30.61
CA ASN A 33 -1.02 22.08 -31.71
C ASN A 33 -2.53 22.00 -31.60
N GLY A 34 -3.08 22.55 -30.52
CA GLY A 34 -4.51 22.62 -30.31
C GLY A 34 -5.07 21.56 -29.38
N ASN A 35 -4.34 20.47 -29.22
CA ASN A 35 -4.82 19.36 -28.40
C ASN A 35 -4.57 19.56 -26.94
N THR A 36 -5.41 18.89 -26.13
CA THR A 36 -5.23 18.85 -24.68
C THR A 36 -4.86 17.45 -24.29
N TYR A 37 -3.72 17.23 -23.65
CA TYR A 37 -3.41 15.86 -23.31
C TYR A 37 -3.67 15.48 -21.85
N LEU A 38 -4.92 15.44 -21.41
CA LEU A 38 -5.24 15.00 -20.08
C LEU A 38 -5.66 13.58 -20.31
N HIS A 39 -4.97 12.62 -19.64
CA HIS A 39 -5.27 11.20 -19.75
C HIS A 39 -5.64 10.66 -18.36
N TRP A 40 -6.42 9.59 -18.32
CA TRP A 40 -6.90 9.03 -17.09
C TRP A 40 -6.65 7.51 -16.94
N TYR A 41 -6.08 7.05 -15.85
CA TYR A 41 -5.67 5.66 -15.65
C TYR A 41 -6.40 4.98 -14.53
N LEU A 42 -6.60 3.67 -14.56
CA LEU A 42 -7.22 2.96 -13.47
C LEU A 42 -6.24 1.93 -13.03
N GLN A 43 -5.74 1.94 -11.77
CA GLN A 43 -4.83 0.92 -11.21
C GLN A 43 -5.54 0.06 -10.16
N LYS A 44 -6.25 -0.98 -10.59
CA LYS A 44 -6.86 -1.96 -9.67
C LYS A 44 -5.76 -2.63 -8.83
N PRO A 45 -5.93 -3.05 -7.57
CA PRO A 45 -4.82 -3.32 -6.67
C PRO A 45 -3.75 -4.37 -7.10
N GLY A 46 -2.51 -4.16 -6.59
CA GLY A 46 -1.38 -5.03 -6.86
C GLY A 46 -1.21 -5.23 -8.36
N GLN A 47 -1.22 -4.13 -9.13
CA GLN A 47 -1.23 -4.26 -10.58
C GLN A 47 -0.42 -3.16 -11.22
N SER A 48 -0.47 -3.06 -12.55
CA SER A 48 0.13 -1.97 -13.28
C SER A 48 -1.05 -1.30 -13.98
N PRO A 49 -1.14 0.04 -14.10
CA PRO A 49 -2.33 0.78 -14.49
C PRO A 49 -2.86 0.46 -15.86
N LYS A 50 -4.14 0.62 -16.12
CA LYS A 50 -4.68 0.38 -17.45
C LYS A 50 -5.25 1.69 -17.99
N LEU A 51 -4.88 2.17 -19.20
CA LEU A 51 -5.38 3.41 -19.78
C LEU A 51 -6.88 3.25 -19.94
N LEU A 52 -7.57 4.33 -19.57
CA LEU A 52 -9.02 4.48 -19.70
C LEU A 52 -9.47 5.53 -20.71
N MET A 53 -8.99 6.78 -20.58
CA MET A 53 -9.44 7.92 -21.31
C MET A 53 -8.20 8.65 -21.79
N TYR A 54 -8.26 9.19 -23.01
CA TYR A 54 -7.20 9.96 -23.62
C TYR A 54 -7.75 11.19 -24.34
N LYS A 55 -7.03 12.28 -24.15
CA LYS A 55 -7.33 13.54 -24.84
C LYS A 55 -8.74 14.01 -24.47
N VAL A 56 -8.76 14.16 -23.15
CA VAL A 56 -9.91 14.52 -22.33
C VAL A 56 -11.17 13.66 -22.45
N SER A 57 -11.66 13.43 -23.64
CA SER A 57 -12.93 12.82 -23.70
C SER A 57 -12.91 11.55 -24.46
N ASN A 58 -11.75 10.99 -24.85
CA ASN A 58 -11.80 9.73 -25.63
C ASN A 58 -11.51 8.42 -24.86
N ARG A 59 -12.49 7.51 -24.93
CA ARG A 59 -12.37 6.24 -24.26
C ARG A 59 -11.41 5.31 -24.97
N PHE A 60 -10.60 4.52 -24.26
CA PHE A 60 -9.64 3.65 -24.88
C PHE A 60 -10.36 2.41 -25.38
N TYR A 61 -9.69 1.47 -26.05
CA TYR A 61 -10.36 0.32 -26.63
C TYR A 61 -10.83 -0.63 -25.55
N GLY A 62 -12.06 -1.06 -25.69
CA GLY A 62 -12.70 -1.98 -24.74
C GLY A 62 -13.26 -1.27 -23.48
N VAL A 63 -12.65 -0.15 -23.05
CA VAL A 63 -12.99 0.50 -21.81
C VAL A 63 -14.45 0.88 -21.85
N PRO A 64 -15.20 0.40 -20.85
CA PRO A 64 -16.65 0.27 -20.88
C PRO A 64 -17.44 1.54 -21.12
N ASP A 65 -18.59 1.33 -21.77
CA ASP A 65 -19.51 2.39 -22.13
C ASP A 65 -19.83 3.33 -20.95
N ARG A 66 -19.71 2.93 -19.68
CA ARG A 66 -20.19 3.79 -18.64
C ARG A 66 -19.30 4.96 -18.22
N PHE A 67 -18.35 5.44 -19.04
CA PHE A 67 -17.43 6.49 -18.60
C PHE A 67 -17.58 7.76 -19.47
N SER A 68 -17.08 8.92 -19.03
CA SER A 68 -17.24 10.13 -19.81
C SER A 68 -16.20 11.12 -19.30
N GLY A 69 -15.51 11.80 -20.20
CA GLY A 69 -14.53 12.77 -19.77
C GLY A 69 -15.21 14.12 -19.90
N SER A 70 -14.66 15.20 -19.35
CA SER A 70 -15.20 16.51 -19.60
C SER A 70 -14.21 17.48 -19.08
N GLY A 71 -14.32 18.69 -19.55
CA GLY A 71 -13.56 19.76 -18.92
C GLY A 71 -12.66 20.46 -19.89
N SER A 72 -12.09 21.52 -19.40
CA SER A 72 -11.18 22.25 -20.23
C SER A 72 -10.32 23.13 -19.36
N GLY A 73 -9.22 23.46 -19.98
CA GLY A 73 -8.38 24.44 -19.39
C GLY A 73 -7.69 23.71 -18.31
N THR A 74 -8.16 23.85 -17.06
CA THR A 74 -7.56 23.17 -15.93
C THR A 74 -8.51 22.29 -15.10
N ASP A 75 -9.76 22.13 -15.49
CA ASP A 75 -10.68 21.36 -14.72
C ASP A 75 -11.27 20.19 -15.47
N PHE A 76 -11.07 18.94 -15.10
CA PHE A 76 -11.58 17.85 -15.91
C PHE A 76 -12.23 16.85 -15.00
N THR A 77 -13.26 16.14 -15.36
CA THR A 77 -13.79 15.12 -14.49
C THR A 77 -14.11 13.89 -15.33
N LEU A 78 -13.95 12.71 -14.72
CA LEU A 78 -14.24 11.47 -15.39
C LEU A 78 -15.52 11.09 -14.69
N LYS A 79 -16.57 10.68 -15.36
CA LYS A 79 -17.78 10.30 -14.70
C LYS A 79 -17.94 8.82 -14.90
N ILE A 80 -18.08 7.98 -13.88
CA ILE A 80 -18.39 6.58 -14.15
C ILE A 80 -19.92 6.66 -14.06
N SER A 81 -20.73 5.87 -14.76
CA SER A 81 -22.15 6.16 -14.69
C SER A 81 -22.95 5.37 -13.66
N ARG A 82 -22.89 4.02 -13.63
CA ARG A 82 -23.56 3.16 -12.66
C ARG A 82 -22.42 2.23 -12.29
N VAL A 83 -21.77 2.49 -11.18
CA VAL A 83 -20.59 1.74 -10.84
C VAL A 83 -20.90 0.25 -10.70
N GLU A 84 -20.10 -0.58 -11.40
CA GLU A 84 -20.10 -2.07 -11.41
C GLU A 84 -18.99 -2.43 -10.43
N ALA A 85 -18.67 -3.70 -10.12
CA ALA A 85 -17.64 -4.00 -9.09
C ALA A 85 -16.17 -4.01 -9.55
N GLU A 86 -15.99 -4.02 -10.87
CA GLU A 86 -14.67 -4.09 -11.47
C GLU A 86 -13.97 -2.75 -11.77
N ASP A 87 -14.72 -1.65 -11.55
CA ASP A 87 -14.22 -0.28 -11.71
C ASP A 87 -13.52 0.16 -10.42
N LEU A 88 -13.57 -0.65 -9.35
CA LEU A 88 -13.01 -0.30 -8.08
C LEU A 88 -11.47 -0.24 -8.18
N GLY A 89 -10.80 0.87 -7.93
CA GLY A 89 -9.34 0.96 -7.98
C GLY A 89 -8.88 2.38 -7.63
N ILE A 90 -7.62 2.75 -7.80
CA ILE A 90 -7.16 4.11 -7.63
C ILE A 90 -7.33 4.70 -9.02
N TYR A 91 -7.91 5.87 -9.28
CA TYR A 91 -7.85 6.51 -10.60
C TYR A 91 -6.80 7.60 -10.60
N PHE A 92 -5.96 7.74 -11.62
CA PHE A 92 -4.97 8.79 -11.65
C PHE A 92 -5.28 9.56 -12.92
N CYS A 93 -5.12 10.88 -12.98
CA CYS A 93 -5.26 11.65 -14.20
C CYS A 93 -3.83 12.08 -14.55
N SER A 94 -3.45 12.34 -15.80
CA SER A 94 -2.08 12.75 -16.09
C SER A 94 -2.10 13.82 -17.16
N GLN A 95 -1.16 14.75 -17.09
CA GLN A 95 -1.08 15.69 -18.17
C GLN A 95 -0.01 15.11 -19.04
N SER A 96 -0.16 15.13 -20.33
CA SER A 96 0.92 14.76 -21.22
C SER A 96 0.97 15.97 -22.14
N SER A 97 1.05 17.22 -21.68
CA SER A 97 1.16 18.34 -22.57
C SER A 97 2.43 19.13 -22.33
N HIS A 98 3.02 19.15 -21.13
CA HIS A 98 4.25 19.90 -20.87
C HIS A 98 5.30 18.91 -20.41
N VAL A 99 6.55 18.91 -20.86
CA VAL A 99 7.47 17.90 -20.37
C VAL A 99 7.84 18.34 -18.97
N PRO A 100 7.95 17.51 -17.92
CA PRO A 100 7.68 16.06 -17.93
C PRO A 100 6.18 15.82 -17.84
N PRO A 101 5.57 14.78 -18.44
CA PRO A 101 4.18 14.42 -18.19
C PRO A 101 4.12 14.22 -16.69
N THR A 102 3.08 14.64 -15.98
CA THR A 102 3.10 14.44 -14.55
C THR A 102 1.82 13.77 -14.13
N PHE A 103 1.78 13.33 -12.88
CA PHE A 103 0.71 12.48 -12.44
C PHE A 103 -0.08 13.01 -11.26
N GLY A 104 -1.34 12.65 -11.22
CA GLY A 104 -2.15 13.08 -10.12
C GLY A 104 -1.95 12.17 -8.93
N GLY A 105 -2.50 12.54 -7.77
CA GLY A 105 -2.38 11.74 -6.55
C GLY A 105 -3.23 10.45 -6.50
N GLY A 106 -4.41 10.49 -7.10
CA GLY A 106 -5.23 9.32 -7.19
C GLY A 106 -6.48 9.57 -6.41
N THR A 107 -7.47 8.76 -6.68
CA THR A 107 -8.71 8.82 -5.98
C THR A 107 -9.10 7.36 -5.87
N LYS A 108 -9.17 6.75 -4.66
CA LYS A 108 -9.56 5.33 -4.56
C LYS A 108 -11.08 5.20 -4.58
N LEU A 109 -11.63 4.26 -5.32
CA LEU A 109 -13.05 4.07 -5.30
C LEU A 109 -13.22 3.05 -4.19
N GLU A 110 -14.24 3.18 -3.34
CA GLU A 110 -14.40 2.24 -2.26
C GLU A 110 -15.87 2.11 -2.00
N ILE A 111 -16.27 0.97 -1.43
CA ILE A 111 -17.69 0.75 -1.22
C ILE A 111 -17.98 1.40 0.12
N LYS A 112 -19.24 1.85 0.16
CA LYS A 112 -19.72 2.50 1.33
C LYS A 112 -20.85 1.63 1.86
N ARG A 113 -20.85 1.69 3.20
CA ARG A 113 -21.84 1.00 4.00
C ARG A 113 -22.01 1.78 5.28
N ALA A 114 -22.95 1.26 6.06
CA ALA A 114 -23.35 1.83 7.33
C ALA A 114 -22.21 2.03 8.30
N ASP A 115 -22.23 3.09 9.11
CA ASP A 115 -21.15 3.27 10.06
C ASP A 115 -21.05 2.13 11.07
N ALA A 116 -19.82 1.78 11.38
CA ALA A 116 -19.56 0.73 12.30
C ALA A 116 -18.60 1.35 13.26
N ALA A 117 -18.60 0.87 14.48
CA ALA A 117 -17.69 1.37 15.48
C ALA A 117 -16.65 0.27 15.68
N PRO A 118 -15.42 0.59 16.07
CA PRO A 118 -14.34 -0.35 16.21
C PRO A 118 -14.37 -1.26 17.43
N THR A 119 -14.33 -2.61 17.36
CA THR A 119 -14.25 -3.38 18.59
C THR A 119 -12.74 -3.34 18.94
N VAL A 120 -12.31 -2.43 19.84
CA VAL A 120 -10.89 -2.24 20.16
C VAL A 120 -10.35 -3.06 21.31
N SER A 121 -9.16 -3.66 21.24
CA SER A 121 -8.63 -4.49 22.31
C SER A 121 -7.20 -4.11 22.65
N ILE A 122 -6.75 -4.18 23.89
CA ILE A 122 -5.38 -3.80 24.20
C ILE A 122 -4.74 -5.08 24.68
N PHE A 123 -3.43 -5.27 24.52
CA PHE A 123 -2.77 -6.49 24.94
C PHE A 123 -1.49 -6.04 25.65
N PRO A 124 -1.13 -6.57 26.84
CA PRO A 124 0.06 -6.19 27.58
C PRO A 124 1.19 -7.01 27.03
N PRO A 125 2.45 -6.69 27.30
CA PRO A 125 3.59 -7.44 26.84
C PRO A 125 3.55 -8.88 27.22
N SER A 126 3.64 -9.74 26.22
CA SER A 126 3.92 -11.13 26.43
C SER A 126 5.13 -11.24 27.34
N SER A 127 5.12 -12.27 28.18
CA SER A 127 6.25 -12.54 29.02
C SER A 127 7.44 -12.96 28.15
N GLU A 128 7.36 -13.68 27.00
CA GLU A 128 8.61 -14.04 26.35
C GLU A 128 9.46 -12.92 25.72
N GLN A 129 8.85 -11.73 25.62
CA GLN A 129 9.46 -10.52 25.11
C GLN A 129 10.09 -9.77 26.26
N LEU A 130 9.46 -9.63 27.42
CA LEU A 130 10.11 -8.96 28.56
C LEU A 130 11.43 -9.67 28.91
N THR A 131 11.35 -11.02 28.89
CA THR A 131 12.43 -12.00 29.01
C THR A 131 13.66 -11.62 28.21
N SER A 132 13.51 -10.82 27.18
CA SER A 132 14.58 -10.43 26.28
C SER A 132 14.82 -8.95 26.31
N GLY A 133 13.95 -8.14 26.92
CA GLY A 133 14.25 -6.72 27.04
C GLY A 133 13.27 -5.72 26.44
N GLY A 134 12.09 -6.10 26.00
CA GLY A 134 11.21 -5.07 25.45
C GLY A 134 9.80 -5.30 25.94
N ALA A 135 8.90 -4.46 25.48
CA ALA A 135 7.51 -4.61 25.85
C ALA A 135 6.79 -3.72 24.86
N SER A 136 6.05 -4.37 23.99
CA SER A 136 5.31 -3.68 23.00
C SER A 136 3.92 -3.88 23.53
N VAL A 137 3.17 -2.80 23.74
CA VAL A 137 1.75 -2.91 24.14
C VAL A 137 1.12 -2.91 22.75
N VAL A 138 -0.02 -3.56 22.50
CA VAL A 138 -0.60 -3.67 21.17
C VAL A 138 -2.08 -3.48 21.34
N CYS A 139 -2.71 -2.58 20.60
CA CYS A 139 -4.13 -2.29 20.65
C CYS A 139 -4.60 -2.62 19.27
N PHE A 140 -5.73 -3.25 19.06
CA PHE A 140 -6.24 -3.55 17.72
C PHE A 140 -7.54 -2.84 17.62
N LEU A 141 -7.78 -2.10 16.55
CA LEU A 141 -9.00 -1.35 16.37
C LEU A 141 -9.62 -2.13 15.24
N ASN A 142 -10.68 -2.88 15.47
CA ASN A 142 -11.11 -3.75 14.41
C ASN A 142 -12.52 -3.51 14.03
N ASN A 143 -12.75 -3.86 12.78
CA ASN A 143 -14.04 -3.83 12.17
C ASN A 143 -14.89 -2.59 12.31
N PHE A 144 -14.26 -1.44 11.96
CA PHE A 144 -14.92 -0.11 11.91
C PHE A 144 -15.04 0.59 10.56
N TYR A 145 -16.03 1.46 10.35
CA TYR A 145 -16.18 2.24 9.10
C TYR A 145 -16.66 3.59 9.64
N PRO A 146 -16.25 4.76 9.18
CA PRO A 146 -15.36 4.96 8.07
C PRO A 146 -13.91 5.18 8.50
N LYS A 147 -13.07 4.97 7.49
CA LYS A 147 -11.65 5.04 7.60
C LYS A 147 -10.93 6.09 8.41
N ASP A 148 -11.50 7.14 8.95
CA ASP A 148 -10.64 8.01 9.76
C ASP A 148 -10.96 7.57 11.18
N ILE A 149 -9.89 7.47 11.96
CA ILE A 149 -10.00 7.14 13.36
C ILE A 149 -8.69 7.67 13.90
N ASN A 150 -8.71 8.26 15.10
CA ASN A 150 -7.52 8.84 15.70
C ASN A 150 -7.24 8.01 16.97
N VAL A 151 -6.00 7.51 17.22
CA VAL A 151 -5.68 6.67 18.39
C VAL A 151 -4.70 7.30 19.34
N LYS A 152 -5.25 7.68 20.49
CA LYS A 152 -4.40 8.28 21.49
C LYS A 152 -3.74 7.14 22.29
N TRP A 153 -2.52 7.25 22.80
CA TRP A 153 -1.97 6.21 23.64
C TRP A 153 -1.67 6.88 24.97
N LYS A 154 -2.63 6.89 25.87
CA LYS A 154 -2.45 7.49 27.18
C LYS A 154 -1.64 6.47 28.01
N ILE A 155 -0.38 6.77 28.36
CA ILE A 155 0.53 5.77 28.96
C ILE A 155 0.86 5.96 30.43
N ASP A 156 0.16 6.84 31.17
CA ASP A 156 0.49 6.99 32.59
C ASP A 156 -0.40 8.02 33.24
N GLY A 157 -1.66 8.10 32.81
CA GLY A 157 -2.38 9.34 33.06
C GLY A 157 -2.08 10.24 31.83
N SER A 158 -0.78 10.52 31.58
CA SER A 158 -0.36 11.26 30.36
C SER A 158 -0.52 10.55 29.00
N GLU A 159 0.05 11.14 27.93
CA GLU A 159 -0.10 10.74 26.52
C GLU A 159 1.33 10.41 26.06
N ARG A 160 1.52 9.33 25.28
CA ARG A 160 2.81 8.99 24.72
C ARG A 160 2.77 9.20 23.19
N GLN A 161 3.95 9.64 22.71
CA GLN A 161 4.25 9.92 21.31
C GLN A 161 4.98 8.81 20.58
N ASN A 162 6.15 8.39 21.11
CA ASN A 162 7.08 7.58 20.33
C ASN A 162 7.04 6.11 20.59
N GLY A 163 7.36 5.34 19.55
CA GLY A 163 7.31 3.92 19.78
C GLY A 163 5.92 3.43 19.35
N VAL A 164 4.95 4.34 19.14
CA VAL A 164 3.71 3.87 18.53
C VAL A 164 4.07 3.55 17.09
N LEU A 165 3.43 2.59 16.40
CA LEU A 165 3.60 2.42 14.96
C LEU A 165 2.19 2.10 14.50
N ASN A 166 1.61 2.59 13.39
CA ASN A 166 0.30 2.07 13.00
C ASN A 166 0.31 1.28 11.70
N SER A 167 -0.72 0.54 11.32
CA SER A 167 -0.74 -0.15 10.05
C SER A 167 -2.20 -0.42 9.81
N TRP A 168 -2.81 -0.20 8.66
CA TRP A 168 -4.25 -0.33 8.54
C TRP A 168 -4.47 -1.52 7.64
N THR A 169 -5.62 -2.12 7.58
CA THR A 169 -5.86 -3.14 6.59
C THR A 169 -6.56 -2.43 5.48
N ASP A 170 -6.73 -2.97 4.26
CA ASP A 170 -7.44 -2.22 3.22
C ASP A 170 -8.91 -2.43 3.45
N GLN A 171 -9.78 -1.97 2.59
CA GLN A 171 -11.18 -2.24 2.77
C GLN A 171 -11.33 -3.73 2.71
N ASP A 172 -11.69 -4.24 3.88
CA ASP A 172 -12.00 -5.63 4.10
C ASP A 172 -13.18 -5.92 3.20
N SER A 173 -12.91 -6.77 2.25
CA SER A 173 -13.83 -7.11 1.22
C SER A 173 -15.07 -7.77 1.68
N LYS A 174 -15.03 -8.59 2.74
CA LYS A 174 -16.22 -9.35 3.14
C LYS A 174 -17.24 -8.40 3.71
N ASP A 175 -16.87 -7.42 4.53
CA ASP A 175 -17.92 -6.55 5.08
C ASP A 175 -17.79 -5.06 4.82
N SER A 176 -16.82 -4.75 4.02
CA SER A 176 -16.54 -3.42 3.56
C SER A 176 -16.10 -2.53 4.69
N THR A 177 -15.39 -3.12 5.64
CA THR A 177 -14.95 -2.36 6.83
C THR A 177 -13.45 -2.08 6.82
N TYR A 178 -12.92 -1.48 7.87
CA TYR A 178 -11.49 -1.26 7.99
C TYR A 178 -10.94 -1.87 9.26
N SER A 179 -9.62 -1.85 9.53
CA SER A 179 -9.09 -2.33 10.80
C SER A 179 -7.72 -1.66 10.99
N MET A 180 -7.27 -1.36 12.20
CA MET A 180 -6.07 -0.56 12.46
C MET A 180 -5.31 -1.31 13.55
N SER A 181 -3.96 -1.37 13.69
CA SER A 181 -3.34 -1.91 14.88
C SER A 181 -2.18 -1.04 15.33
N SER A 182 -2.15 -0.41 16.51
CA SER A 182 -0.97 0.35 16.90
C SER A 182 -0.21 -0.33 18.04
N THR A 183 1.11 -0.30 17.98
CA THR A 183 1.95 -1.03 18.89
C THR A 183 2.85 0.02 19.47
N LEU A 184 2.60 0.37 20.75
CA LEU A 184 3.40 1.34 21.52
C LEU A 184 4.59 0.56 21.98
N THR A 185 5.83 1.04 21.98
CA THR A 185 6.92 0.18 22.37
C THR A 185 7.91 0.82 23.31
N LEU A 186 8.12 0.14 24.44
CA LEU A 186 8.96 0.60 25.51
C LEU A 186 10.05 -0.41 25.77
N THR A 187 11.12 0.04 26.42
CA THR A 187 12.13 -0.91 26.85
C THR A 187 11.58 -1.68 28.04
N LYS A 188 11.90 -2.99 28.25
CA LYS A 188 11.38 -3.81 29.37
C LYS A 188 11.30 -3.03 30.67
N ASP A 189 12.48 -2.53 31.03
CA ASP A 189 12.70 -1.69 32.19
C ASP A 189 11.69 -0.52 32.23
N GLU A 190 11.78 0.30 31.18
CA GLU A 190 10.96 1.45 30.94
C GLU A 190 9.48 1.05 30.95
N TYR A 191 9.11 -0.19 30.73
CA TYR A 191 7.71 -0.55 30.86
C TYR A 191 7.38 -0.65 32.35
N GLU A 192 8.14 -1.54 33.02
CA GLU A 192 7.90 -1.86 34.41
C GLU A 192 8.16 -0.74 35.42
N ARG A 193 8.66 0.46 35.09
CA ARG A 193 8.61 1.51 36.11
C ARG A 193 7.32 2.36 35.86
N HIS A 194 6.10 1.76 35.74
CA HIS A 194 4.81 2.43 35.37
C HIS A 194 3.46 1.74 35.64
N ASN A 195 2.31 2.44 35.80
CA ASN A 195 1.05 1.75 36.15
C ASN A 195 0.03 1.36 35.06
N SER A 196 -0.74 2.24 34.44
CA SER A 196 -1.74 1.79 33.48
C SER A 196 -1.37 2.23 32.08
N TYR A 197 -1.91 1.59 31.05
CA TYR A 197 -1.59 1.91 29.68
C TYR A 197 -2.94 1.91 29.06
N THR A 198 -3.21 2.93 28.29
CA THR A 198 -4.46 2.96 27.59
C THR A 198 -4.28 3.52 26.20
N CYS A 199 -4.84 2.64 25.41
CA CYS A 199 -5.05 2.81 24.00
C CYS A 199 -6.37 3.58 24.01
N GLU A 200 -6.56 4.67 23.23
CA GLU A 200 -7.78 5.46 23.27
C GLU A 200 -8.16 5.75 21.81
N ALA A 201 -9.37 5.35 21.37
CA ALA A 201 -9.87 5.52 19.99
C ALA A 201 -10.99 6.53 19.82
N THR A 202 -10.79 7.57 19.06
CA THR A 202 -11.77 8.65 18.97
C THR A 202 -12.42 8.52 17.60
N HIS A 203 -13.71 8.32 17.39
CA HIS A 203 -14.13 8.01 16.03
C HIS A 203 -15.63 8.19 15.86
N LYS A 204 -16.08 8.79 14.75
CA LYS A 204 -17.48 9.16 14.48
C LYS A 204 -18.53 8.44 15.27
N THR A 205 -18.52 7.09 15.26
CA THR A 205 -19.56 6.34 15.96
C THR A 205 -19.65 6.63 17.51
N SER A 206 -18.74 7.41 18.06
CA SER A 206 -18.66 7.64 19.48
C SER A 206 -18.91 9.04 19.90
N THR A 207 -19.82 9.16 20.85
CA THR A 207 -20.14 10.38 21.53
C THR A 207 -18.85 10.91 22.15
N SER A 208 -18.31 10.02 22.97
CA SER A 208 -17.11 10.24 23.76
C SER A 208 -16.10 9.08 23.55
N PRO A 209 -14.76 9.22 23.71
CA PRO A 209 -13.80 8.18 23.31
C PRO A 209 -14.12 6.74 23.72
N ILE A 210 -13.78 5.80 22.84
CA ILE A 210 -13.91 4.37 23.09
C ILE A 210 -12.48 3.91 23.34
N VAL A 211 -12.23 3.79 24.64
CA VAL A 211 -10.91 3.58 25.27
C VAL A 211 -10.75 2.23 26.00
N LYS A 212 -9.55 1.62 26.01
CA LYS A 212 -9.33 0.37 26.73
C LYS A 212 -8.02 0.42 27.51
N SER A 213 -7.92 -0.27 28.66
CA SER A 213 -6.72 -0.23 29.46
C SER A 213 -6.54 -1.50 30.22
N PHE A 214 -5.26 -1.62 30.61
CA PHE A 214 -4.82 -2.62 31.55
C PHE A 214 -3.89 -1.81 32.47
N ASN A 215 -3.43 -2.35 33.59
CA ASN A 215 -2.36 -1.69 34.36
C ASN A 215 -1.56 -2.89 34.89
N ARG A 216 -0.72 -2.82 35.92
CA ARG A 216 0.06 -3.97 36.34
C ARG A 216 -0.25 -4.45 37.80
N GLN B 1 -0.57 -11.43 -27.93
CA GLN B 1 -0.54 -11.16 -26.50
C GLN B 1 0.51 -10.06 -26.67
N ILE B 2 0.30 -8.79 -26.37
CA ILE B 2 1.38 -7.84 -26.62
C ILE B 2 1.57 -7.24 -25.27
N GLN B 3 2.75 -7.52 -24.77
CA GLN B 3 3.08 -7.12 -23.43
C GLN B 3 4.46 -6.50 -23.42
N LEU B 4 4.89 -5.95 -22.29
CA LEU B 4 6.25 -5.51 -22.08
C LEU B 4 6.53 -6.34 -20.85
N VAL B 5 7.60 -7.10 -20.87
CA VAL B 5 7.83 -8.08 -19.85
C VAL B 5 8.96 -7.56 -19.03
N GLN B 6 8.89 -7.52 -17.72
CA GLN B 6 9.98 -6.97 -16.94
C GLN B 6 10.64 -7.99 -16.04
N SER B 7 11.94 -7.92 -15.76
CA SER B 7 12.56 -8.85 -14.86
C SER B 7 11.99 -8.77 -13.44
N GLY B 8 12.51 -9.71 -12.65
CA GLY B 8 12.03 -9.92 -11.31
C GLY B 8 12.35 -8.82 -10.32
N PRO B 9 11.83 -9.00 -9.09
CA PRO B 9 12.11 -8.22 -7.90
C PRO B 9 13.50 -8.50 -7.44
N GLU B 10 14.10 -7.42 -6.91
CA GLU B 10 15.49 -7.41 -6.54
C GLU B 10 15.64 -6.83 -5.17
N LEU B 11 16.52 -7.44 -4.39
CA LEU B 11 16.83 -6.96 -3.06
C LEU B 11 18.28 -6.52 -3.20
N LYS B 12 18.76 -5.38 -2.72
CA LYS B 12 20.09 -4.85 -3.02
C LYS B 12 20.43 -3.93 -1.89
N LYS B 13 21.70 -3.66 -1.70
CA LYS B 13 22.13 -2.89 -0.56
C LYS B 13 22.89 -1.67 -1.11
N PRO B 14 22.98 -0.48 -0.44
CA PRO B 14 23.48 0.77 -1.01
C PRO B 14 24.70 0.61 -1.90
N GLY B 15 24.82 1.45 -2.92
CA GLY B 15 25.97 1.34 -3.81
C GLY B 15 25.68 0.43 -4.98
N GLU B 16 25.38 -0.82 -4.65
CA GLU B 16 25.09 -1.81 -5.67
C GLU B 16 24.13 -1.38 -6.78
N THR B 17 24.45 -1.57 -8.07
CA THR B 17 23.62 -1.03 -9.13
C THR B 17 22.59 -2.08 -9.48
N VAL B 18 21.67 -1.97 -10.42
CA VAL B 18 20.75 -3.06 -10.75
C VAL B 18 20.26 -2.86 -12.19
N LYS B 19 20.33 -3.80 -13.12
CA LYS B 19 19.94 -3.49 -14.47
C LYS B 19 18.59 -4.10 -14.59
N ILE B 20 17.59 -3.26 -14.78
CA ILE B 20 16.21 -3.67 -14.92
C ILE B 20 15.97 -3.86 -16.41
N SER B 21 15.31 -4.93 -16.80
CA SER B 21 15.05 -5.17 -18.19
C SER B 21 13.59 -4.92 -18.51
N CYS B 22 13.24 -4.80 -19.79
CA CYS B 22 11.89 -4.56 -20.23
C CYS B 22 11.86 -5.04 -21.67
N LYS B 23 11.27 -6.18 -21.95
CA LYS B 23 11.36 -6.79 -23.24
C LYS B 23 10.05 -6.64 -23.88
N ALA B 24 10.08 -6.38 -25.16
CA ALA B 24 8.88 -6.07 -25.88
C ALA B 24 8.60 -7.28 -26.74
N SER B 25 7.33 -7.64 -26.91
CA SER B 25 7.03 -8.65 -27.90
C SER B 25 5.60 -8.37 -28.23
N GLY B 26 5.33 -8.44 -29.51
CA GLY B 26 3.95 -8.32 -29.94
C GLY B 26 3.71 -7.23 -30.94
N TYR B 27 4.54 -6.19 -30.83
CA TYR B 27 4.38 -4.99 -31.59
C TYR B 27 5.70 -4.55 -32.18
N ALA B 28 5.61 -3.56 -33.07
CA ALA B 28 6.73 -2.95 -33.74
C ALA B 28 7.63 -2.09 -32.86
N PHE B 29 8.52 -2.65 -32.06
CA PHE B 29 9.36 -1.92 -31.09
C PHE B 29 9.93 -0.55 -31.43
N THR B 30 10.36 -0.40 -32.66
CA THR B 30 10.98 0.83 -33.10
C THR B 30 10.08 2.07 -33.16
N ASN B 31 8.76 1.97 -33.32
CA ASN B 31 8.01 3.20 -33.55
C ASN B 31 7.00 3.62 -32.49
N TYR B 32 7.38 3.41 -31.23
CA TYR B 32 6.72 3.79 -29.98
C TYR B 32 7.88 4.21 -29.05
N GLY B 33 7.72 4.85 -27.89
CA GLY B 33 8.86 5.20 -27.04
C GLY B 33 8.86 4.31 -25.81
N VAL B 34 9.96 4.04 -25.14
CA VAL B 34 9.83 3.33 -23.89
C VAL B 34 10.09 4.35 -22.79
N ASN B 35 9.02 4.70 -22.06
CA ASN B 35 9.06 5.67 -20.97
C ASN B 35 9.24 4.90 -19.70
N TRP B 36 9.98 5.40 -18.72
CA TRP B 36 10.13 4.67 -17.46
C TRP B 36 9.38 5.39 -16.34
N VAL B 37 8.44 4.77 -15.63
CA VAL B 37 7.67 5.41 -14.55
C VAL B 37 7.99 4.84 -13.13
N LYS B 38 8.12 5.59 -12.04
CA LYS B 38 8.55 5.12 -10.73
C LYS B 38 7.41 5.19 -9.75
N GLU B 39 7.09 4.16 -8.97
CA GLU B 39 6.00 4.25 -8.02
C GLU B 39 6.53 3.95 -6.63
N ALA B 40 6.88 4.98 -5.87
CA ALA B 40 7.51 4.78 -4.58
C ALA B 40 6.52 4.85 -3.42
N PRO B 41 6.80 4.16 -2.30
CA PRO B 41 5.79 3.85 -1.31
C PRO B 41 5.26 5.16 -0.77
N GLY B 42 4.06 5.45 -1.29
CA GLY B 42 3.27 6.54 -0.75
C GLY B 42 3.85 7.87 -1.12
N LYS B 43 4.22 7.82 -2.39
CA LYS B 43 4.63 8.96 -3.21
C LYS B 43 3.87 8.78 -4.54
N GLU B 44 4.10 9.66 -5.50
CA GLU B 44 3.29 9.63 -6.69
C GLU B 44 4.08 8.92 -7.74
N LEU B 45 3.32 8.66 -8.78
CA LEU B 45 3.88 8.12 -9.99
C LEU B 45 4.79 9.25 -10.56
N LYS B 46 6.11 9.18 -10.33
CA LYS B 46 7.09 10.11 -10.85
C LYS B 46 7.51 9.56 -12.22
N TRP B 47 7.50 10.36 -13.28
CA TRP B 47 7.85 9.95 -14.63
C TRP B 47 9.36 10.26 -14.69
N MET B 48 10.05 9.21 -15.09
CA MET B 48 11.49 9.29 -14.92
C MET B 48 12.27 9.79 -16.11
N GLY B 49 12.12 9.13 -17.24
CA GLY B 49 12.75 9.54 -18.46
C GLY B 49 12.03 8.98 -19.66
N TRP B 50 12.71 8.58 -20.75
CA TRP B 50 12.14 8.03 -22.00
C TRP B 50 13.27 7.70 -22.94
N ILE B 51 13.12 6.69 -23.78
CA ILE B 51 14.14 6.37 -24.72
C ILE B 51 13.36 6.06 -26.01
N ASN B 52 13.54 6.94 -26.99
CA ASN B 52 12.97 6.77 -28.32
C ASN B 52 13.89 5.92 -29.17
N ILE B 53 13.30 4.86 -29.71
CA ILE B 53 13.99 3.85 -30.47
C ILE B 53 14.32 4.32 -31.90
N TYR B 54 13.85 5.46 -32.43
CA TYR B 54 14.36 5.94 -33.72
C TYR B 54 15.80 6.41 -33.37
N THR B 55 15.82 7.51 -32.66
CA THR B 55 17.06 8.19 -32.41
C THR B 55 18.13 7.48 -31.65
N GLY B 56 17.69 6.58 -30.76
CA GLY B 56 18.54 6.00 -29.74
C GLY B 56 18.77 6.95 -28.55
N GLU B 57 18.10 8.09 -28.42
CA GLU B 57 18.48 8.98 -27.36
C GLU B 57 17.52 9.13 -26.19
N PRO B 58 18.15 9.12 -25.02
CA PRO B 58 17.45 9.14 -23.79
C PRO B 58 17.06 10.52 -23.39
N THR B 59 15.88 10.79 -22.91
CA THR B 59 15.67 12.05 -22.25
C THR B 59 15.43 11.59 -20.81
N TYR B 60 16.21 12.14 -19.90
CA TYR B 60 16.04 11.87 -18.51
C TYR B 60 15.37 13.13 -17.97
N VAL B 61 14.67 13.06 -16.84
CA VAL B 61 14.10 14.23 -16.22
C VAL B 61 15.09 14.33 -15.08
N ASP B 62 16.08 15.18 -15.32
CA ASP B 62 17.21 15.45 -14.44
C ASP B 62 17.02 15.59 -12.92
N ASP B 63 15.80 15.32 -12.46
CA ASP B 63 15.49 14.99 -11.07
C ASP B 63 16.17 13.58 -10.90
N PHE B 64 16.67 12.90 -11.97
CA PHE B 64 17.35 11.62 -11.94
C PHE B 64 18.61 11.59 -12.82
N LYS B 65 19.67 12.37 -12.58
CA LYS B 65 20.81 12.30 -13.50
C LYS B 65 22.10 11.71 -13.01
N GLY B 66 22.77 10.91 -13.81
CA GLY B 66 24.06 10.44 -13.40
C GLY B 66 23.95 9.13 -12.69
N ARG B 67 22.97 8.89 -11.80
CA ARG B 67 22.87 7.54 -11.24
C ARG B 67 22.15 6.62 -12.20
N PHE B 68 20.97 7.09 -12.67
CA PHE B 68 20.02 6.30 -13.46
C PHE B 68 20.38 6.39 -14.93
N ALA B 69 20.72 5.30 -15.63
CA ALA B 69 21.10 5.31 -17.04
C ALA B 69 20.16 4.50 -17.91
N PHE B 70 19.37 5.05 -18.86
CA PHE B 70 18.54 4.18 -19.69
C PHE B 70 19.44 3.70 -20.80
N SER B 71 19.40 2.42 -21.13
CA SER B 71 20.20 1.87 -22.20
C SER B 71 19.19 1.06 -22.96
N LEU B 72 19.61 0.33 -24.00
CA LEU B 72 18.70 -0.43 -24.84
C LEU B 72 19.50 -1.40 -25.74
N GLU B 73 18.97 -2.52 -26.23
CA GLU B 73 19.68 -3.30 -27.23
C GLU B 73 18.61 -3.98 -28.08
N THR B 74 18.39 -3.14 -29.09
CA THR B 74 17.27 -3.17 -29.99
C THR B 74 17.04 -4.42 -30.76
N SER B 75 18.13 -5.08 -31.09
CA SER B 75 18.02 -6.30 -31.86
C SER B 75 17.37 -7.41 -31.04
N ALA B 76 17.29 -7.18 -29.72
CA ALA B 76 16.76 -8.11 -28.75
C ALA B 76 15.46 -7.62 -28.11
N SER B 77 14.86 -6.61 -28.77
CA SER B 77 13.67 -5.95 -28.25
C SER B 77 13.69 -5.72 -26.74
N THR B 78 14.82 -5.30 -26.17
CA THR B 78 14.84 -5.09 -24.75
C THR B 78 15.43 -3.72 -24.46
N ALA B 79 14.69 -2.98 -23.62
CA ALA B 79 15.03 -1.65 -23.13
C ALA B 79 15.47 -1.84 -21.71
N TYR B 80 16.42 -1.12 -21.14
CA TYR B 80 16.93 -1.37 -19.79
C TYR B 80 17.02 -0.06 -18.98
N LEU B 81 16.92 -0.17 -17.66
CA LEU B 81 17.07 0.91 -16.68
C LEU B 81 18.24 0.52 -15.75
N GLU B 82 19.25 1.31 -15.54
CA GLU B 82 20.26 0.89 -14.61
C GLU B 82 20.25 1.94 -13.56
N ILE B 83 20.36 1.58 -12.29
CA ILE B 83 20.47 2.62 -11.29
C ILE B 83 21.81 2.29 -10.71
N ASN B 84 22.54 3.33 -10.36
CA ASN B 84 23.91 3.15 -9.91
C ASN B 84 24.04 3.80 -8.56
N ASN B 85 24.91 3.35 -7.63
CA ASN B 85 25.01 3.94 -6.29
C ASN B 85 23.63 4.02 -5.62
N LEU B 86 22.91 2.86 -5.66
CA LEU B 86 21.56 2.80 -5.13
C LEU B 86 21.50 3.35 -3.71
N LYS B 87 20.58 4.27 -3.48
CA LYS B 87 20.43 4.85 -2.16
C LYS B 87 19.24 4.19 -1.48
N ASN B 88 18.77 4.52 -0.26
CA ASN B 88 17.60 3.82 0.33
C ASN B 88 16.27 4.24 -0.30
N GLU B 89 16.35 5.47 -0.84
CA GLU B 89 15.25 6.19 -1.41
C GLU B 89 14.66 5.50 -2.60
N ASP B 90 15.44 4.65 -3.28
CA ASP B 90 14.94 4.02 -4.50
C ASP B 90 13.95 2.88 -4.39
N THR B 91 13.67 2.39 -3.19
CA THR B 91 12.72 1.31 -2.96
C THR B 91 11.41 1.72 -3.58
N ALA B 92 11.10 1.11 -4.69
CA ALA B 92 9.94 1.48 -5.42
C ALA B 92 9.60 0.44 -6.44
N THR B 93 8.51 0.60 -7.14
CA THR B 93 8.24 -0.30 -8.24
C THR B 93 8.36 0.51 -9.52
N TYR B 94 9.40 0.21 -10.31
CA TYR B 94 9.66 0.83 -11.59
C TYR B 94 8.93 0.16 -12.71
N PHE B 95 8.01 0.80 -13.39
CA PHE B 95 7.29 0.21 -14.49
C PHE B 95 7.95 0.78 -15.73
N CYS B 96 7.91 0.08 -16.86
CA CYS B 96 8.32 0.64 -18.14
C CYS B 96 6.99 0.68 -18.86
N THR B 97 6.75 1.71 -19.67
CA THR B 97 5.48 1.85 -20.38
C THR B 97 5.69 2.05 -21.87
N ARG B 98 4.84 1.61 -22.78
CA ARG B 98 4.99 1.92 -24.17
C ARG B 98 4.22 3.20 -24.38
N GLY B 99 4.90 4.24 -24.85
CA GLY B 99 4.26 5.52 -25.08
C GLY B 99 4.09 5.77 -26.56
N ASP B 100 3.14 6.57 -27.00
CA ASP B 100 2.88 6.75 -28.40
C ASP B 100 3.15 8.15 -29.01
N TYR B 101 3.44 8.27 -30.30
CA TYR B 101 3.86 9.53 -30.93
C TYR B 101 2.76 10.49 -31.41
N VAL B 102 1.53 9.97 -31.55
CA VAL B 102 0.37 10.73 -32.01
C VAL B 102 -0.50 11.31 -30.88
N ASN B 103 -0.94 10.49 -29.89
CA ASN B 103 -1.77 10.90 -28.76
C ASN B 103 -1.10 10.94 -27.41
N TRP B 104 0.17 10.56 -27.34
CA TRP B 104 1.02 10.76 -26.19
C TRP B 104 0.74 10.14 -24.83
N TYR B 105 -0.11 9.16 -24.91
CA TYR B 105 -0.51 8.42 -23.75
C TYR B 105 0.44 7.28 -23.57
N PHE B 106 0.27 6.55 -22.48
CA PHE B 106 1.09 5.39 -22.20
C PHE B 106 0.05 4.29 -22.25
N ASP B 107 0.11 3.31 -23.13
CA ASP B 107 -1.00 2.37 -23.22
C ASP B 107 -0.78 0.90 -22.98
N VAL B 108 0.48 0.48 -22.86
CA VAL B 108 0.79 -0.90 -22.50
C VAL B 108 1.71 -0.67 -21.35
N TRP B 109 1.38 -1.11 -20.13
CA TRP B 109 2.36 -0.97 -19.06
C TRP B 109 2.98 -2.31 -18.73
N GLY B 110 4.22 -2.24 -18.31
CA GLY B 110 4.90 -3.40 -17.80
C GLY B 110 4.44 -3.69 -16.37
N ALA B 111 4.66 -4.89 -15.87
CA ALA B 111 4.12 -5.22 -14.56
C ALA B 111 4.81 -4.73 -13.33
N GLY B 112 6.01 -4.21 -13.40
CA GLY B 112 6.61 -3.67 -12.21
C GLY B 112 7.78 -4.48 -11.73
N THR B 113 8.76 -3.80 -11.19
CA THR B 113 9.94 -4.44 -10.69
C THR B 113 10.15 -3.59 -9.47
N THR B 114 9.97 -4.22 -8.34
CA THR B 114 10.13 -3.57 -7.08
C THR B 114 11.58 -3.69 -6.73
N VAL B 115 12.32 -2.65 -6.41
CA VAL B 115 13.71 -2.79 -5.99
C VAL B 115 13.53 -2.55 -4.50
N THR B 116 14.16 -3.28 -3.57
CA THR B 116 14.09 -2.93 -2.17
C THR B 116 15.52 -2.62 -1.80
N VAL B 117 15.96 -1.49 -1.31
CA VAL B 117 17.37 -1.39 -1.03
C VAL B 117 17.45 -1.47 0.46
N SER B 118 18.35 -2.24 1.07
CA SER B 118 18.41 -2.30 2.52
C SER B 118 19.78 -2.75 2.94
N SER B 119 19.94 -2.89 4.23
CA SER B 119 21.23 -3.24 4.83
C SER B 119 21.08 -4.24 5.98
N ALA B 120 19.86 -4.68 6.20
CA ALA B 120 19.59 -5.70 7.19
C ALA B 120 20.03 -6.96 6.50
N LYS B 121 20.37 -7.93 7.31
CA LYS B 121 20.70 -9.22 6.75
C LYS B 121 19.52 -10.03 7.24
N THR B 122 19.23 -11.17 6.62
CA THR B 122 18.07 -11.99 6.98
C THR B 122 18.02 -12.26 8.49
N THR B 123 16.88 -12.01 9.12
CA THR B 123 16.73 -12.24 10.53
C THR B 123 15.47 -13.06 10.59
N PRO B 124 15.35 -14.16 11.35
CA PRO B 124 14.13 -14.86 11.58
C PRO B 124 13.23 -14.00 12.46
N PRO B 125 11.92 -14.14 12.47
CA PRO B 125 11.07 -13.38 13.33
C PRO B 125 10.87 -13.86 14.77
N SER B 126 10.93 -12.99 15.79
CA SER B 126 10.52 -13.37 17.13
C SER B 126 9.00 -13.38 17.09
N VAL B 127 8.24 -14.43 17.35
CA VAL B 127 6.79 -14.44 17.31
C VAL B 127 6.33 -14.31 18.73
N TYR B 128 5.46 -13.44 19.20
CA TYR B 128 5.02 -13.44 20.60
C TYR B 128 3.50 -13.55 20.73
N PRO B 129 2.93 -14.18 21.73
CA PRO B 129 1.50 -14.35 21.86
C PRO B 129 0.82 -13.17 22.51
N LEU B 130 -0.32 -12.78 21.98
CA LEU B 130 -1.10 -11.73 22.60
C LEU B 130 -2.32 -12.46 23.16
N ALA B 131 -2.60 -12.36 24.44
CA ALA B 131 -3.78 -13.00 25.04
C ALA B 131 -4.44 -11.91 25.87
N PRO B 132 -5.71 -11.95 26.22
CA PRO B 132 -6.45 -10.84 26.78
C PRO B 132 -5.95 -10.02 27.95
N GLY B 133 -4.85 -10.29 28.67
CA GLY B 133 -4.45 -9.49 29.83
C GLY B 133 -5.62 -9.37 30.81
N SER B 134 -6.30 -10.52 30.89
CA SER B 134 -7.49 -10.75 31.70
C SER B 134 -8.66 -9.75 31.46
N ALA B 135 -8.56 -8.85 30.44
CA ALA B 135 -9.66 -7.98 30.04
C ALA B 135 -10.79 -8.93 29.59
N ALA B 136 -11.98 -8.58 30.07
CA ALA B 136 -13.13 -9.48 29.94
C ALA B 136 -14.18 -9.04 28.93
N GLN B 137 -14.39 -9.93 27.95
CA GLN B 137 -15.16 -9.63 26.73
C GLN B 137 -16.40 -8.80 26.93
N THR B 138 -16.47 -7.74 26.09
CA THR B 138 -17.61 -6.82 26.08
C THR B 138 -18.73 -7.72 25.55
N ASN B 139 -18.76 -8.08 24.26
CA ASN B 139 -19.87 -8.89 23.81
C ASN B 139 -19.42 -10.26 23.33
N SER B 140 -19.72 -11.27 24.15
CA SER B 140 -19.54 -12.67 23.83
C SER B 140 -18.42 -13.10 22.88
N MET B 141 -17.23 -12.50 22.79
CA MET B 141 -16.24 -12.93 21.77
C MET B 141 -14.83 -12.60 22.25
N VAL B 142 -13.78 -13.18 21.66
CA VAL B 142 -12.46 -12.91 22.18
C VAL B 142 -11.64 -12.66 20.94
N THR B 143 -10.57 -11.91 21.13
CA THR B 143 -9.66 -11.51 20.07
C THR B 143 -8.25 -11.78 20.57
N LEU B 144 -7.56 -12.78 20.01
CA LEU B 144 -6.19 -13.09 20.43
C LEU B 144 -5.35 -12.52 19.31
N GLY B 145 -4.04 -12.58 19.35
CA GLY B 145 -3.28 -12.08 18.25
C GLY B 145 -1.93 -12.76 18.24
N CYS B 146 -1.08 -12.41 17.29
CA CYS B 146 0.31 -12.79 17.29
C CYS B 146 1.03 -11.48 16.99
N LEU B 147 2.29 -11.28 17.38
CA LEU B 147 3.03 -10.08 17.05
C LEU B 147 4.31 -10.65 16.48
N VAL B 148 4.64 -10.54 15.18
CA VAL B 148 5.85 -11.09 14.61
C VAL B 148 6.81 -9.92 14.62
N LYS B 149 7.95 -9.87 15.29
CA LYS B 149 8.72 -8.66 15.37
C LYS B 149 10.17 -8.81 14.96
N GLY B 150 10.72 -7.79 14.32
CA GLY B 150 12.13 -7.74 14.03
C GLY B 150 12.57 -8.81 13.05
N TYR B 151 12.09 -8.78 11.78
CA TYR B 151 12.48 -9.71 10.74
C TYR B 151 12.82 -8.99 9.44
N PHE B 152 13.49 -9.67 8.53
CA PHE B 152 13.90 -9.18 7.22
C PHE B 152 14.13 -10.40 6.32
N PRO B 153 13.88 -10.44 5.01
CA PRO B 153 13.07 -9.54 4.28
C PRO B 153 11.63 -9.98 4.46
N GLU B 154 10.78 -9.51 3.56
CA GLU B 154 9.40 -9.87 3.51
C GLU B 154 9.34 -10.91 2.43
N PRO B 155 8.38 -11.77 2.28
CA PRO B 155 7.19 -11.91 3.09
C PRO B 155 7.25 -12.72 4.40
N VAL B 156 6.12 -12.83 5.09
CA VAL B 156 5.96 -13.67 6.24
C VAL B 156 4.62 -14.35 6.03
N THR B 157 4.29 -15.61 6.28
CA THR B 157 2.91 -16.09 6.08
C THR B 157 2.30 -16.27 7.47
N VAL B 158 1.35 -15.50 8.02
CA VAL B 158 0.79 -15.80 9.33
C VAL B 158 -0.48 -16.52 9.04
N THR B 159 -0.66 -17.71 9.55
CA THR B 159 -1.94 -18.37 9.39
C THR B 159 -2.46 -18.76 10.77
N TRP B 160 -3.75 -18.97 11.05
CA TRP B 160 -4.22 -19.37 12.35
C TRP B 160 -4.75 -20.76 12.19
N ASN B 161 -4.37 -21.65 13.09
CA ASN B 161 -4.77 -23.04 13.14
C ASN B 161 -4.62 -23.73 11.81
N SER B 162 -3.46 -23.48 11.22
CA SER B 162 -3.06 -24.09 9.98
C SER B 162 -4.10 -23.97 8.87
N GLY B 163 -4.55 -22.72 8.73
CA GLY B 163 -5.50 -22.37 7.71
C GLY B 163 -6.94 -22.49 8.17
N SER B 164 -7.25 -23.25 9.21
CA SER B 164 -8.62 -23.46 9.58
C SER B 164 -9.27 -22.24 10.13
N LEU B 165 -8.64 -21.18 10.67
CA LEU B 165 -9.42 -20.02 11.05
C LEU B 165 -9.23 -18.90 9.98
N SER B 166 -10.18 -18.73 9.07
CA SER B 166 -10.09 -17.69 8.05
C SER B 166 -10.95 -16.47 8.40
N SER B 167 -12.29 -16.43 8.32
CA SER B 167 -13.07 -15.24 8.64
C SER B 167 -12.66 -14.81 10.00
N GLY B 168 -12.52 -13.55 10.34
CA GLY B 168 -12.11 -13.26 11.68
C GLY B 168 -10.62 -13.00 11.72
N VAL B 169 -9.71 -13.58 10.93
CA VAL B 169 -8.32 -13.18 11.09
C VAL B 169 -8.04 -11.89 10.31
N HIS B 170 -7.21 -10.99 10.84
CA HIS B 170 -6.82 -9.75 10.22
C HIS B 170 -5.33 -9.58 10.25
N THR B 171 -4.58 -10.08 9.28
CA THR B 171 -3.15 -9.90 9.32
C THR B 171 -2.92 -8.51 8.74
N PHE B 172 -2.31 -7.61 9.50
CA PHE B 172 -2.06 -6.23 9.11
C PHE B 172 -0.86 -6.14 8.19
N PRO B 173 -0.42 -5.01 7.63
CA PRO B 173 0.82 -4.85 6.89
C PRO B 173 2.07 -4.54 7.68
N ALA B 174 3.16 -5.14 7.21
CA ALA B 174 4.46 -5.00 7.85
C ALA B 174 4.87 -3.55 7.99
N VAL B 175 5.51 -3.07 9.03
CA VAL B 175 5.98 -1.70 9.13
C VAL B 175 7.45 -1.76 9.53
N LEU B 176 8.33 -0.85 9.16
CA LEU B 176 9.73 -0.91 9.58
C LEU B 176 9.91 -0.35 10.98
N GLN B 177 10.91 -0.79 11.72
CA GLN B 177 11.37 -0.17 12.95
C GLN B 177 12.85 -0.50 12.75
N SER B 178 13.74 0.44 12.40
CA SER B 178 15.17 0.13 12.18
C SER B 178 15.46 -1.05 11.24
N ASP B 179 15.45 -0.98 9.93
CA ASP B 179 15.77 -2.09 9.04
C ASP B 179 14.84 -3.29 9.16
N LEU B 180 14.25 -3.62 10.28
CA LEU B 180 13.53 -4.85 10.40
C LEU B 180 12.06 -4.58 10.53
N TYR B 181 11.28 -5.47 9.95
CA TYR B 181 9.85 -5.39 9.93
C TYR B 181 9.15 -5.91 11.19
N THR B 182 7.95 -5.38 11.47
CA THR B 182 7.13 -5.85 12.56
C THR B 182 5.74 -6.09 11.94
N LEU B 183 4.92 -7.11 12.19
CA LEU B 183 3.56 -7.19 11.66
C LEU B 183 2.66 -7.96 12.61
N SER B 184 1.35 -7.81 12.74
CA SER B 184 0.59 -8.62 13.64
C SER B 184 -0.68 -9.04 12.98
N SER B 185 -1.33 -10.06 13.49
CA SER B 185 -2.52 -10.63 12.91
C SER B 185 -3.41 -10.80 14.09
N SER B 186 -4.73 -10.91 13.94
CA SER B 186 -5.62 -11.05 15.06
C SER B 186 -6.72 -12.03 14.71
N VAL B 187 -7.16 -12.96 15.56
CA VAL B 187 -8.31 -13.77 15.23
C VAL B 187 -9.32 -13.50 16.33
N THR B 188 -10.55 -13.40 15.88
CA THR B 188 -11.71 -13.19 16.72
C THR B 188 -12.52 -14.49 16.81
N VAL B 189 -12.51 -15.14 17.99
CA VAL B 189 -13.26 -16.37 18.15
C VAL B 189 -14.41 -16.20 19.12
N PRO B 190 -15.43 -17.06 19.02
CA PRO B 190 -16.47 -17.26 19.98
C PRO B 190 -15.87 -17.46 21.34
N SER B 191 -16.30 -16.86 22.47
CA SER B 191 -15.65 -17.24 23.70
C SER B 191 -16.04 -18.64 24.17
N SER B 192 -16.82 -19.42 23.43
CA SER B 192 -16.95 -20.84 23.73
C SER B 192 -15.73 -21.60 23.18
N PRO B 193 -15.01 -21.24 22.10
CA PRO B 193 -13.63 -21.66 21.92
C PRO B 193 -12.54 -21.22 22.87
N ARG B 194 -12.00 -20.02 22.99
CA ARG B 194 -10.81 -19.93 23.81
C ARG B 194 -11.22 -19.84 25.28
N PRO B 195 -10.63 -20.50 26.31
CA PRO B 195 -9.59 -21.52 26.22
C PRO B 195 -10.04 -22.96 26.16
N SER B 196 -11.30 -23.19 25.83
CA SER B 196 -11.77 -24.53 25.73
C SER B 196 -11.04 -25.15 24.54
N GLU B 197 -11.26 -24.73 23.29
CA GLU B 197 -10.52 -25.26 22.16
C GLU B 197 -9.16 -24.57 22.08
N THR B 198 -8.22 -25.03 21.26
CA THR B 198 -6.89 -24.46 21.14
C THR B 198 -6.92 -23.23 20.20
N VAL B 199 -5.99 -22.25 20.23
CA VAL B 199 -5.90 -21.31 19.13
C VAL B 199 -4.41 -21.12 18.89
N THR B 200 -3.89 -21.52 17.74
CA THR B 200 -2.47 -21.50 17.43
C THR B 200 -2.28 -20.57 16.24
N CYS B 201 -1.24 -19.78 16.15
CA CYS B 201 -1.04 -18.91 15.03
C CYS B 201 0.27 -19.40 14.48
N ASN B 202 0.46 -19.65 13.19
CA ASN B 202 1.65 -20.25 12.66
C ASN B 202 2.48 -19.29 11.84
N VAL B 203 3.55 -18.60 12.28
CA VAL B 203 4.20 -17.71 11.34
C VAL B 203 5.41 -18.37 10.67
N ALA B 204 5.36 -18.39 9.33
CA ALA B 204 6.33 -19.01 8.45
C ALA B 204 7.11 -17.91 7.81
N HIS B 205 8.41 -17.99 7.60
CA HIS B 205 9.17 -16.90 6.99
C HIS B 205 10.16 -17.53 6.03
N PRO B 206 9.79 -17.73 4.75
CA PRO B 206 10.46 -18.64 3.85
C PRO B 206 11.87 -18.17 3.65
N ALA B 207 12.11 -16.89 3.47
CA ALA B 207 13.47 -16.37 3.34
C ALA B 207 14.54 -16.92 4.27
N SER B 208 14.25 -17.29 5.52
CA SER B 208 15.24 -17.86 6.42
C SER B 208 14.88 -19.30 6.76
N SER B 209 13.84 -19.87 6.18
CA SER B 209 13.42 -21.21 6.46
C SER B 209 13.17 -21.56 7.94
N THR B 210 12.35 -20.70 8.57
CA THR B 210 11.91 -20.76 9.95
C THR B 210 10.40 -20.84 9.86
N LYS B 211 9.70 -21.59 10.68
CA LYS B 211 8.26 -21.59 10.77
C LYS B 211 8.06 -21.71 12.26
N VAL B 212 7.26 -20.88 12.97
CA VAL B 212 7.20 -20.85 14.42
C VAL B 212 5.75 -20.93 14.79
N ASP B 213 5.28 -22.00 15.38
CA ASP B 213 3.93 -22.05 15.90
C ASP B 213 3.90 -21.55 17.34
N LYS B 214 2.89 -20.80 17.72
CA LYS B 214 2.80 -20.24 19.03
C LYS B 214 1.36 -20.49 19.42
N LYS B 215 1.03 -21.23 20.48
CA LYS B 215 -0.35 -21.39 20.84
C LYS B 215 -0.61 -20.33 21.90
N ILE B 216 -1.76 -19.67 21.83
CA ILE B 216 -2.09 -18.60 22.73
C ILE B 216 -2.74 -19.34 23.88
N VAL B 217 -2.33 -18.94 25.09
CA VAL B 217 -2.68 -19.62 26.32
C VAL B 217 -2.89 -18.55 27.41
N PRO B 218 -3.79 -18.70 28.38
CA PRO B 218 -4.27 -17.61 29.19
C PRO B 218 -3.37 -16.66 29.93
N ARG B 219 -4.03 -15.52 29.87
CA ARG B 219 -3.63 -14.21 30.39
C ARG B 219 -4.90 -13.51 29.79
C1 SIH C . 6.62 16.28 -27.05
C2 SIH C . 6.56 17.72 -26.63
C3 SIH C . 5.27 17.81 -25.88
O3 SIH C . 4.31 18.48 -26.28
C4 SIH C . 5.17 17.10 -24.72
C5 SIH C . 5.81 15.87 -24.69
C6 SIH C . 5.82 15.04 -23.55
C7 SIH C . 5.12 13.78 -23.89
C8 SIH C . 5.99 13.08 -24.89
C9 SIH C . 6.09 13.91 -26.21
C10 SIH C . 6.66 15.30 -25.87
C11 SIH C . 7.09 13.14 -27.24
O11 SIH C . 7.00 13.72 -28.55
C12 SIH C . 6.67 11.66 -27.31
C13 SIH C . 6.35 10.95 -25.98
C14 SIH C . 5.40 11.74 -25.18
C15 SIH C . 4.93 10.74 -24.13
C16 SIH C . 5.18 9.35 -24.76
C17 SIH C . 5.77 9.57 -26.14
C18 SIH C . 7.66 10.89 -25.19
C19 SIH C . 8.13 15.23 -25.45
C20 SIH C . 6.66 8.49 -26.69
O20 SIH C . 7.60 8.02 -26.05
C21 SIH C . 6.43 7.97 -28.08
CH1 SIH C . 8.03 14.05 -29.21
OH1 SIH C . 8.02 14.70 -30.29
CH2 SIH C . 9.43 13.64 -28.90
CH3 SIH C . 9.83 12.56 -29.93
CH4 SIH C . 10.94 13.11 -30.83
OH4 SIH C . 10.57 13.91 -31.72
OH5 SIH C . 12.16 12.83 -30.57
#